data_7P6T
#
_entry.id   7P6T
#
_cell.length_a   90.150
_cell.length_b   33.660
_cell.length_c   59.630
_cell.angle_alpha   90.000
_cell.angle_beta   111.839
_cell.angle_gamma   90.000
#
_symmetry.space_group_name_H-M   'C 1 2 1'
#
loop_
_entity.id
_entity.type
_entity.pdbx_description
1 polymer 'Isoform Alpha of Pancreatic secretory granule membrane major glycoprotein GP2'
2 non-polymer 2-acetamido-2-deoxy-beta-D-glucopyranose
3 non-polymer 2-ethyl-2-(hydroxymethyl)propane-1,3-diol
4 water water
#
_entity_poly.entity_id   1
_entity_poly.type   'polypeptide(L)'
_entity_poly.pdbx_seq_one_letter_code
;VQRGYGNPIEASSYGLDLDCGAPGTPEAHVCFDPCQNYTLLDEPFRSTENSAGSQGCDKNMSGWYRFVGEGGVRMSETCV
QVHRCQTDAPMWLNGTHPALGDGITNHTACAHWSGNCCFWKTEVLVKACPGGYHVYRLEGTPWCNLRYCTDPSHHHHHHH
H
;
_entity_poly.pdbx_strand_id   A
#
# COMPACT_ATOMS: atom_id res chain seq x y z
N LEU A 16 16.70 -9.98 -1.68
CA LEU A 16 16.21 -9.23 -2.82
C LEU A 16 14.80 -9.67 -3.23
N ASP A 17 14.67 -10.94 -3.59
CA ASP A 17 13.46 -11.43 -4.24
C ASP A 17 12.46 -12.10 -3.30
N LEU A 18 12.90 -12.57 -2.12
CA LEU A 18 12.06 -13.38 -1.25
C LEU A 18 11.87 -12.70 0.10
N ASP A 19 10.74 -13.02 0.73
CA ASP A 19 10.41 -12.59 2.08
C ASP A 19 10.52 -13.80 3.00
N CYS A 20 11.47 -13.76 3.94
CA CYS A 20 11.70 -14.87 4.84
C CYS A 20 11.33 -14.57 6.28
N GLY A 21 10.83 -13.37 6.57
CA GLY A 21 10.56 -12.98 7.93
C GLY A 21 11.74 -12.30 8.59
N ALA A 22 11.51 -11.85 9.82
CA ALA A 22 12.53 -11.13 10.57
C ALA A 22 13.56 -12.10 11.11
N PRO A 23 14.85 -11.95 10.79
CA PRO A 23 15.84 -12.92 11.28
C PRO A 23 15.89 -12.97 12.80
N GLY A 24 16.06 -14.17 13.33
CA GLY A 24 16.13 -14.35 14.77
C GLY A 24 14.90 -13.85 15.49
N THR A 25 13.72 -14.12 14.96
CA THR A 25 12.46 -13.73 15.57
C THR A 25 11.49 -14.89 15.46
N PRO A 26 10.49 -14.94 16.33
CA PRO A 26 9.46 -15.98 16.20
C PRO A 26 8.79 -15.98 14.83
N GLU A 27 8.55 -14.81 14.24
CA GLU A 27 7.85 -14.74 12.96
C GLU A 27 8.68 -15.26 11.80
N ALA A 28 9.99 -15.42 11.98
CA ALA A 28 10.82 -16.01 10.94
C ALA A 28 10.16 -17.28 10.43
N HIS A 29 10.07 -17.39 9.11
CA HIS A 29 9.28 -18.44 8.48
C HIS A 29 9.94 -18.88 7.19
N VAL A 30 9.32 -19.86 6.53
CA VAL A 30 9.78 -20.29 5.21
C VAL A 30 9.73 -19.12 4.27
N CYS A 31 10.81 -18.94 3.50
CA CYS A 31 10.85 -17.87 2.52
C CYS A 31 9.74 -18.07 1.48
N PHE A 32 9.21 -16.96 0.97
CA PHE A 32 8.24 -17.03 -0.10
C PHE A 32 8.42 -15.84 -1.03
N ASP A 33 7.94 -16.01 -2.26
CA ASP A 33 7.92 -14.94 -3.24
C ASP A 33 6.64 -14.14 -3.05
N PRO A 34 6.71 -12.86 -2.69
CA PRO A 34 5.48 -12.08 -2.52
C PRO A 34 4.55 -12.11 -3.71
N CYS A 35 5.10 -12.21 -4.93
CA CYS A 35 4.26 -12.26 -6.12
C CYS A 35 3.36 -13.48 -6.14
N GLN A 36 3.68 -14.50 -5.34
CA GLN A 36 2.91 -15.73 -5.28
C GLN A 36 2.26 -15.96 -3.93
N ASN A 37 2.21 -14.96 -3.07
CA ASN A 37 1.59 -15.11 -1.76
C ASN A 37 1.14 -13.76 -1.21
N TYR A 38 0.02 -13.26 -1.72
CA TYR A 38 -0.51 -11.97 -1.34
C TYR A 38 -2.00 -12.12 -1.05
N THR A 39 -2.55 -11.11 -0.38
CA THR A 39 -3.99 -10.96 -0.22
C THR A 39 -4.52 -10.10 -1.35
N LEU A 40 -5.54 -10.60 -2.04
CA LEU A 40 -6.13 -9.89 -3.17
C LEU A 40 -7.26 -9.01 -2.66
N LEU A 41 -7.21 -7.73 -3.03
CA LEU A 41 -8.25 -6.78 -2.67
C LEU A 41 -8.84 -6.15 -3.93
N ASP A 42 -10.16 -6.29 -4.08
CA ASP A 42 -10.94 -5.59 -5.10
C ASP A 42 -11.90 -4.70 -4.33
N GLU A 43 -11.43 -3.50 -3.99
CA GLU A 43 -12.15 -2.58 -3.11
C GLU A 43 -12.22 -1.22 -3.78
N PRO A 44 -13.19 -1.01 -4.68
CA PRO A 44 -13.23 0.25 -5.41
C PRO A 44 -13.33 1.48 -4.53
N PHE A 45 -13.71 1.32 -3.26
CA PHE A 45 -13.80 2.46 -2.35
C PHE A 45 -12.43 3.06 -2.05
N ARG A 46 -11.34 2.34 -2.34
CA ARG A 46 -9.99 2.85 -2.16
C ARG A 46 -9.60 3.88 -3.20
N SER A 47 -10.43 4.09 -4.22
CA SER A 47 -10.05 4.97 -5.32
C SER A 47 -9.78 6.38 -4.82
N THR A 48 -8.76 7.01 -5.40
CA THR A 48 -8.51 8.43 -5.14
C THR A 48 -9.67 9.29 -5.60
N GLU A 49 -10.56 8.76 -6.44
CA GLU A 49 -11.72 9.48 -6.93
C GLU A 49 -12.97 9.22 -6.10
N ASN A 50 -12.90 8.33 -5.11
CA ASN A 50 -14.03 8.08 -4.24
C ASN A 50 -14.10 9.19 -3.19
N SER A 51 -15.25 9.85 -3.10
CA SER A 51 -15.48 10.91 -2.13
C SER A 51 -16.43 10.49 -1.02
N ALA A 52 -16.78 9.20 -0.96
CA ALA A 52 -17.83 8.74 -0.06
C ALA A 52 -17.65 9.31 1.34
N GLY A 53 -18.79 9.64 1.98
CA GLY A 53 -18.76 10.16 3.33
C GLY A 53 -18.26 9.18 4.36
N SER A 54 -18.28 7.88 4.03
CA SER A 54 -17.80 6.88 4.97
C SER A 54 -16.29 6.96 5.11
N GLN A 55 -15.79 6.61 6.30
CA GLN A 55 -14.36 6.64 6.58
C GLN A 55 -13.98 5.40 7.39
N GLY A 56 -13.06 4.61 6.84
CA GLY A 56 -12.49 3.47 7.54
C GLY A 56 -10.99 3.61 7.69
N CYS A 57 -10.33 2.55 8.15
CA CYS A 57 -8.91 2.58 8.46
C CYS A 57 -8.30 1.23 8.13
N ASP A 58 -7.08 1.26 7.58
CA ASP A 58 -6.35 0.06 7.21
C ASP A 58 -5.49 -0.47 8.36
N LYS A 59 -5.89 -0.20 9.61
CA LYS A 59 -5.06 -0.52 10.77
C LYS A 59 -4.75 -2.01 10.88
N ASN A 60 -5.60 -2.88 10.33
CA ASN A 60 -5.43 -4.32 10.46
C ASN A 60 -4.62 -4.95 9.34
N MET A 61 -4.11 -4.18 8.39
CA MET A 61 -3.38 -4.78 7.28
C MET A 61 -2.08 -5.41 7.76
N SER A 62 -1.72 -6.53 7.16
CA SER A 62 -0.44 -7.18 7.43
C SER A 62 -0.09 -8.08 6.25
N GLY A 63 1.18 -8.12 5.92
CA GLY A 63 1.63 -8.94 4.80
C GLY A 63 1.53 -8.22 3.48
N TRP A 64 1.48 -9.01 2.42
CA TRP A 64 1.53 -8.51 1.07
C TRP A 64 0.14 -8.44 0.46
N TYR A 65 -0.08 -7.43 -0.37
CA TYR A 65 -1.37 -7.12 -0.96
C TYR A 65 -1.23 -6.82 -2.44
N ARG A 66 -2.20 -7.28 -3.22
CA ARG A 66 -2.38 -6.89 -4.61
C ARG A 66 -3.75 -6.26 -4.76
N PHE A 67 -3.81 -5.12 -5.42
CA PHE A 67 -5.05 -4.39 -5.65
C PHE A 67 -5.52 -4.57 -7.08
N VAL A 68 -6.80 -4.89 -7.26
CA VAL A 68 -7.40 -5.03 -8.58
C VAL A 68 -8.78 -4.37 -8.56
N GLY A 69 -9.32 -4.14 -9.76
CA GLY A 69 -10.69 -3.69 -9.90
C GLY A 69 -10.79 -2.22 -10.30
N GLU A 70 -12.02 -1.73 -10.27
CA GLU A 70 -12.32 -0.38 -10.76
C GLU A 70 -11.60 0.70 -9.97
N GLY A 71 -11.20 0.43 -8.73
CA GLY A 71 -10.48 1.42 -7.95
C GLY A 71 -9.04 1.64 -8.39
N GLY A 72 -8.51 0.74 -9.20
CA GLY A 72 -7.13 0.83 -9.67
C GLY A 72 -6.28 -0.32 -9.15
N VAL A 73 -5.10 -0.46 -9.76
CA VAL A 73 -4.20 -1.58 -9.49
C VAL A 73 -2.91 -1.15 -8.83
N ARG A 74 -2.72 0.14 -8.58
CA ARG A 74 -1.50 0.63 -7.95
C ARG A 74 -1.85 1.74 -6.98
N MET A 75 -0.95 1.95 -6.02
CA MET A 75 -1.02 3.13 -5.16
C MET A 75 -0.73 4.39 -5.99
N SER A 76 -1.22 5.52 -5.49
CA SER A 76 -0.93 6.80 -6.12
C SER A 76 0.50 7.23 -5.81
N GLU A 77 1.17 7.78 -6.81
CA GLU A 77 2.51 8.33 -6.65
C GLU A 77 2.48 9.82 -6.34
N THR A 78 1.29 10.41 -6.22
CA THR A 78 1.14 11.82 -5.90
C THR A 78 0.18 11.98 -4.72
N CYS A 79 0.33 13.09 -4.03
CA CYS A 79 -0.51 13.39 -2.88
C CYS A 79 -1.99 13.40 -3.28
N VAL A 80 -2.82 12.78 -2.45
CA VAL A 80 -4.26 12.67 -2.68
C VAL A 80 -4.96 13.64 -1.74
N GLN A 81 -6.05 14.25 -2.23
CA GLN A 81 -6.80 15.18 -1.41
C GLN A 81 -7.45 14.47 -0.22
N VAL A 82 -7.61 15.20 0.88
CA VAL A 82 -8.20 14.63 2.09
C VAL A 82 -9.62 14.17 1.82
N HIS A 83 -10.09 13.26 2.67
CA HIS A 83 -11.46 12.73 2.58
C HIS A 83 -11.72 12.04 1.25
N ARG A 84 -10.72 11.30 0.76
CA ARG A 84 -10.85 10.41 -0.37
C ARG A 84 -10.54 8.99 0.09
N CYS A 85 -10.77 8.03 -0.81
CA CYS A 85 -10.40 6.62 -0.59
C CYS A 85 -11.11 6.03 0.63
N GLN A 86 -12.32 6.51 0.91
CA GLN A 86 -13.10 6.05 2.06
C GLN A 86 -12.31 6.16 3.36
N THR A 87 -11.64 7.29 3.54
CA THR A 87 -10.87 7.53 4.75
C THR A 87 -10.77 9.02 4.98
N ASP A 88 -10.13 9.40 6.08
CA ASP A 88 -9.91 10.82 6.37
C ASP A 88 -8.58 11.30 5.80
N ALA A 89 -7.48 10.68 6.23
CA ALA A 89 -6.15 11.02 5.74
C ALA A 89 -5.69 9.97 4.74
N PRO A 90 -5.74 10.23 3.44
CA PRO A 90 -5.35 9.23 2.45
C PRO A 90 -3.84 9.06 2.36
N MET A 91 -3.42 7.84 2.06
CA MET A 91 -2.01 7.49 2.00
C MET A 91 -1.60 7.23 0.55
N TRP A 92 -0.43 7.75 0.19
CA TRP A 92 0.11 7.67 -1.16
C TRP A 92 1.58 7.30 -1.08
N LEU A 93 2.15 6.88 -2.21
CA LEU A 93 3.52 6.38 -2.25
C LEU A 93 4.46 7.52 -2.62
N ASN A 94 5.30 7.92 -1.66
CA ASN A 94 6.30 8.98 -1.84
C ASN A 94 7.55 8.38 -2.49
N GLY A 95 7.33 7.81 -3.68
CA GLY A 95 8.40 7.19 -4.42
C GLY A 95 7.92 6.75 -5.78
N THR A 96 8.80 6.07 -6.51
CA THR A 96 8.52 5.57 -7.86
C THR A 96 8.48 4.05 -7.84
N HIS A 97 7.51 3.50 -8.57
CA HIS A 97 7.32 2.06 -8.57
C HIS A 97 8.51 1.34 -9.21
N PRO A 98 8.88 0.17 -8.73
CA PRO A 98 10.01 -0.56 -9.29
C PRO A 98 9.64 -1.27 -10.57
N ALA A 99 10.67 -1.63 -11.33
CA ALA A 99 10.54 -2.48 -12.51
C ALA A 99 10.81 -3.94 -12.16
N LEU A 100 10.28 -4.83 -12.98
CA LEU A 100 10.49 -6.26 -12.76
C LEU A 100 11.97 -6.56 -12.87
N GLY A 101 12.52 -7.17 -11.83
CA GLY A 101 13.95 -7.37 -11.69
C GLY A 101 14.59 -6.55 -10.58
N ASP A 102 13.93 -5.48 -10.13
CA ASP A 102 14.48 -4.63 -9.08
C ASP A 102 14.38 -5.27 -7.70
N GLY A 103 13.61 -6.34 -7.53
CA GLY A 103 13.45 -6.96 -6.24
C GLY A 103 12.51 -6.19 -5.34
N ILE A 104 12.53 -6.57 -4.07
CA ILE A 104 11.73 -5.92 -3.03
C ILE A 104 12.38 -4.58 -2.71
N THR A 105 11.59 -3.50 -2.84
CA THR A 105 12.10 -2.15 -2.63
C THR A 105 11.41 -1.51 -1.44
N ASN A 106 12.14 -0.61 -0.76
CA ASN A 106 11.74 0.01 0.49
C ASN A 106 11.31 1.45 0.19
N HIS A 107 10.10 1.80 0.62
CA HIS A 107 9.52 3.09 0.28
C HIS A 107 8.83 3.72 1.48
N THR A 108 8.58 5.01 1.37
CA THR A 108 7.80 5.75 2.34
C THR A 108 6.41 6.00 1.79
N ALA A 109 5.39 5.69 2.59
CA ALA A 109 4.03 6.10 2.30
C ALA A 109 3.68 7.27 3.21
N CYS A 110 3.05 8.29 2.62
CA CYS A 110 2.71 9.54 3.29
C CYS A 110 1.19 9.66 3.39
N ALA A 111 0.72 10.21 4.51
CA ALA A 111 -0.69 10.50 4.69
C ALA A 111 -0.89 12.01 4.66
N HIS A 112 -1.86 12.45 3.86
CA HIS A 112 -2.16 13.87 3.72
C HIS A 112 -3.17 14.27 4.78
N TRP A 113 -2.84 15.28 5.59
CA TRP A 113 -3.78 15.79 6.57
C TRP A 113 -3.38 17.22 6.93
N SER A 114 -4.37 18.05 7.22
CA SER A 114 -4.16 19.39 7.78
C SER A 114 -3.09 20.16 7.01
N GLY A 115 -3.30 20.29 5.70
CA GLY A 115 -2.42 21.06 4.85
C GLY A 115 -1.03 20.50 4.66
N ASN A 116 -0.83 19.23 5.00
CA ASN A 116 0.50 18.62 5.01
C ASN A 116 0.40 17.28 4.28
N CYS A 117 1.03 17.18 3.11
CA CYS A 117 0.91 15.96 2.31
C CYS A 117 1.66 14.78 2.91
N CYS A 118 2.44 14.96 3.97
CA CYS A 118 3.11 13.87 4.67
C CYS A 118 2.97 14.05 6.18
N PHE A 119 1.71 14.24 6.63
CA PHE A 119 1.44 14.48 8.05
C PHE A 119 1.79 13.26 8.88
N TRP A 120 1.50 12.06 8.38
CA TRP A 120 2.03 10.83 8.94
C TRP A 120 2.80 10.10 7.87
N LYS A 121 3.73 9.23 8.28
CA LYS A 121 4.45 8.41 7.32
C LYS A 121 4.68 7.03 7.91
N THR A 122 4.95 6.07 7.01
CA THR A 122 5.22 4.71 7.39
C THR A 122 5.95 4.03 6.25
N GLU A 123 6.63 2.95 6.58
CA GLU A 123 7.36 2.18 5.58
C GLU A 123 6.41 1.24 4.85
N VAL A 124 6.58 1.13 3.53
N VAL A 124 6.62 1.10 3.55
CA VAL A 124 5.93 0.11 2.74
CA VAL A 124 5.91 0.14 2.71
C VAL A 124 6.97 -0.51 1.83
C VAL A 124 6.92 -0.49 1.76
N LEU A 125 6.81 -1.80 1.56
CA LEU A 125 7.64 -2.49 0.58
C LEU A 125 6.84 -2.69 -0.70
N VAL A 126 7.53 -2.64 -1.83
CA VAL A 126 6.91 -2.78 -3.14
C VAL A 126 7.75 -3.71 -4.00
N LYS A 127 7.08 -4.63 -4.70
CA LYS A 127 7.76 -5.51 -5.65
C LYS A 127 6.96 -5.60 -6.94
N ALA A 128 7.66 -5.50 -8.07
CA ALA A 128 7.07 -5.77 -9.38
C ALA A 128 7.06 -7.27 -9.64
N CYS A 129 6.03 -7.74 -10.33
CA CYS A 129 5.79 -9.17 -10.47
C CYS A 129 5.64 -9.60 -11.92
N PRO A 130 6.05 -10.81 -12.26
CA PRO A 130 5.74 -11.35 -13.60
C PRO A 130 4.25 -11.32 -13.85
N GLY A 131 3.87 -10.87 -15.03
CA GLY A 131 2.47 -10.66 -15.37
C GLY A 131 2.04 -9.22 -15.35
N GLY A 132 2.91 -8.30 -14.97
CA GLY A 132 2.60 -6.88 -15.08
C GLY A 132 1.81 -6.32 -13.93
N TYR A 133 2.05 -6.76 -12.70
CA TYR A 133 1.41 -6.18 -11.52
C TYR A 133 2.44 -5.94 -10.43
N HIS A 134 2.04 -5.17 -9.42
CA HIS A 134 2.85 -4.93 -8.24
C HIS A 134 2.16 -5.48 -7.01
N VAL A 135 2.96 -5.86 -6.01
CA VAL A 135 2.44 -6.18 -4.68
C VAL A 135 3.08 -5.23 -3.68
N TYR A 136 2.38 -5.03 -2.57
CA TYR A 136 2.76 -4.07 -1.53
C TYR A 136 2.73 -4.75 -0.18
N ARG A 137 3.78 -4.58 0.61
CA ARG A 137 3.78 -5.03 2.01
C ARG A 137 3.33 -3.87 2.88
N LEU A 138 2.20 -4.07 3.55
CA LEU A 138 1.53 -3.03 4.31
C LEU A 138 1.32 -3.54 5.72
N GLU A 139 1.91 -2.86 6.70
CA GLU A 139 1.82 -3.26 8.11
C GLU A 139 1.07 -2.16 8.86
N GLY A 140 -0.24 -2.31 8.94
CA GLY A 140 -1.08 -1.40 9.67
C GLY A 140 -1.02 0.01 9.12
N THR A 141 -1.37 0.95 9.99
CA THR A 141 -1.28 2.38 9.72
C THR A 141 -0.71 3.07 10.95
N PRO A 142 -0.15 4.27 10.79
CA PRO A 142 0.37 5.00 11.95
C PRO A 142 -0.69 5.73 12.75
N TRP A 143 -1.91 5.81 12.23
CA TRP A 143 -3.00 6.56 12.86
C TRP A 143 -4.28 6.10 12.17
N CYS A 144 -5.42 6.47 12.72
CA CYS A 144 -6.71 6.28 12.07
C CYS A 144 -7.48 7.59 12.12
N ASN A 145 -8.29 7.86 11.09
CA ASN A 145 -8.60 6.97 9.98
C ASN A 145 -7.70 7.26 8.77
N LEU A 146 -6.87 6.28 8.41
CA LEU A 146 -6.00 6.33 7.24
C LEU A 146 -6.19 5.07 6.41
N ARG A 147 -6.00 5.20 5.09
CA ARG A 147 -6.08 4.05 4.19
C ARG A 147 -5.09 4.26 3.06
N TYR A 148 -4.61 3.14 2.51
CA TYR A 148 -3.77 3.15 1.32
C TYR A 148 -4.66 3.25 0.09
N CYS A 149 -4.58 4.37 -0.62
CA CYS A 149 -5.41 4.59 -1.79
C CYS A 149 -4.90 3.82 -3.00
N THR A 150 -5.79 3.65 -3.98
CA THR A 150 -5.43 3.14 -5.29
C THR A 150 -5.81 4.17 -6.34
N ASP A 151 -4.99 4.30 -7.37
CA ASP A 151 -5.17 5.32 -8.39
C ASP A 151 -5.81 4.66 -9.61
N PRO A 152 -7.05 5.01 -9.98
CA PRO A 152 -7.69 4.32 -11.10
C PRO A 152 -7.15 4.72 -12.47
N SER A 153 -6.29 5.72 -12.55
CA SER A 153 -5.74 6.14 -13.84
C SER A 153 -5.02 4.98 -14.52
#